data_4GEX
#
_entry.id   4GEX
#
_cell.length_a   107.870
_cell.length_b   107.870
_cell.length_c   165.051
_cell.angle_alpha   90.00
_cell.angle_beta   90.00
_cell.angle_gamma   120.00
#
_symmetry.space_group_name_H-M   'P 31 2 1'
#
loop_
_entity.id
_entity.type
_entity.pdbx_description
1 polymer 'Spindle assembly abnormal protein 6'
2 non-polymer 'SULFATE ION'
3 water water
#
_entity_poly.entity_id   1
_entity_poly.type   'polypeptide(L)'
_entity_poly.pdbx_seq_one_letter_code
;GSMTSKIALFDQTLIASLLQPLSLNQPDFKAYKTKVKLKISEQRNETSGEKELKFEISRSDDFEFLFSETLNNEKYQILA
RDHDLTVDFDAFPKVIIQHLLCKNIVKNLEEDGEVDARKKAGYHEIADPGKPTEINIILDAEKNFCSFELFSKTPWSKGK
IFSIKLHAVR
;
_entity_poly.pdbx_strand_id   A,B,C,D
#
loop_
_chem_comp.id
_chem_comp.type
_chem_comp.name
_chem_comp.formula
SO4 non-polymer 'SULFATE ION' 'O4 S -2'
#
# COMPACT_ATOMS: atom_id res chain seq x y z
N SER A 5 -7.93 -32.31 13.26
CA SER A 5 -6.76 -33.20 13.19
C SER A 5 -5.52 -32.34 13.33
N LYS A 6 -5.44 -31.68 14.50
CA LYS A 6 -4.40 -30.71 14.81
C LYS A 6 -3.03 -31.34 14.98
N ILE A 7 -2.05 -30.84 14.23
CA ILE A 7 -0.69 -31.33 14.34
C ILE A 7 0.24 -30.15 14.60
N ALA A 8 1.03 -30.22 15.70
CA ALA A 8 2.00 -29.18 16.00
C ALA A 8 3.25 -29.33 15.13
N LEU A 9 3.50 -28.33 14.30
CA LEU A 9 4.64 -28.30 13.40
C LEU A 9 5.83 -27.61 14.02
N PHE A 10 5.58 -26.64 14.90
CA PHE A 10 6.62 -25.85 15.57
C PHE A 10 6.11 -25.46 16.94
N ASP A 11 6.95 -25.62 17.96
CA ASP A 11 6.62 -25.27 19.33
C ASP A 11 7.93 -24.89 20.04
N GLN A 12 8.22 -23.60 20.13
CA GLN A 12 9.48 -23.17 20.72
C GLN A 12 9.38 -21.81 21.40
N THR A 13 10.27 -21.60 22.38
CA THR A 13 10.38 -20.34 23.10
C THR A 13 11.37 -19.46 22.35
N LEU A 14 10.93 -18.27 21.95
CA LEU A 14 11.72 -17.33 21.19
C LEU A 14 11.86 -16.03 21.91
N ILE A 15 12.93 -15.30 21.59
CA ILE A 15 13.15 -13.97 22.14
C ILE A 15 12.53 -12.98 21.19
N ALA A 16 11.61 -12.20 21.71
CA ALA A 16 10.94 -11.19 20.92
C ALA A 16 11.07 -9.84 21.57
N SER A 17 10.99 -8.79 20.75
CA SER A 17 10.96 -7.42 21.25
C SER A 17 9.51 -7.04 21.32
N LEU A 18 9.05 -6.77 22.54
CA LEU A 18 7.67 -6.50 22.82
C LEU A 18 7.43 -5.02 23.07
N LEU A 19 6.50 -4.43 22.34
CA LEU A 19 6.08 -3.04 22.57
C LEU A 19 4.67 -3.02 23.13
N GLN A 20 4.50 -2.40 24.34
CA GLN A 20 3.18 -2.27 24.97
C GLN A 20 2.94 -0.88 25.49
N PRO A 21 1.70 -0.42 25.39
CA PRO A 21 1.41 0.96 25.76
C PRO A 21 1.32 1.14 27.26
N LEU A 22 1.66 2.34 27.72
CA LEU A 22 1.52 2.78 29.10
C LEU A 22 0.01 2.80 29.46
N SER A 23 -0.86 3.19 28.49
CA SER A 23 -2.29 3.18 28.67
C SER A 23 -2.99 3.41 27.35
N LEU A 24 -4.30 3.13 27.38
CA LEU A 24 -5.19 3.26 26.24
C LEU A 24 -5.29 4.72 25.78
N ASN A 25 -5.03 5.65 26.69
CA ASN A 25 -5.22 7.07 26.43
C ASN A 25 -3.95 7.85 26.29
N GLN A 26 -2.80 7.14 26.28
CA GLN A 26 -1.52 7.80 26.22
C GLN A 26 -0.65 7.21 25.12
N PRO A 27 0.10 8.13 24.44
CA PRO A 27 0.95 7.73 23.29
C PRO A 27 2.07 6.75 23.57
N ASP A 28 2.64 6.84 24.75
CA ASP A 28 3.81 6.07 25.14
C ASP A 28 3.65 4.56 25.07
N PHE A 29 4.57 3.92 24.37
CA PHE A 29 4.82 2.49 24.27
C PHE A 29 6.20 2.25 24.83
N LYS A 30 6.33 1.26 25.69
CA LYS A 30 7.61 0.91 26.28
C LYS A 30 8.05 -0.38 25.62
N ALA A 31 9.36 -0.58 25.47
CA ALA A 31 9.91 -1.75 24.78
C ALA A 31 10.72 -2.70 25.70
N TYR A 32 10.52 -3.98 25.50
CA TYR A 32 11.14 -5.02 26.32
C TYR A 32 11.62 -6.18 25.50
N LYS A 33 12.73 -6.81 25.89
CA LYS A 33 13.08 -8.09 25.28
C LYS A 33 12.40 -9.11 26.17
N THR A 34 11.66 -10.05 25.60
CA THR A 34 10.95 -11.04 26.42
C THR A 34 10.88 -12.38 25.70
N LYS A 35 10.79 -13.46 26.49
CA LYS A 35 10.65 -14.80 25.94
C LYS A 35 9.18 -15.11 25.73
N VAL A 36 8.84 -15.54 24.50
CA VAL A 36 7.47 -15.89 24.13
C VAL A 36 7.45 -17.30 23.51
N LYS A 37 6.39 -18.06 23.74
CA LYS A 37 6.27 -19.38 23.13
C LYS A 37 5.47 -19.24 21.84
N LEU A 38 6.07 -19.65 20.73
CA LEU A 38 5.37 -19.63 19.46
C LEU A 38 5.03 -21.07 19.05
N LYS A 39 3.76 -21.29 18.72
CA LYS A 39 3.29 -22.59 18.24
C LYS A 39 2.65 -22.42 16.90
N ILE A 40 3.13 -23.21 15.93
CA ILE A 40 2.57 -23.23 14.57
C ILE A 40 2.07 -24.64 14.33
N SER A 41 0.76 -24.78 14.02
CA SER A 41 0.18 -26.09 13.78
C SER A 41 -0.73 -26.10 12.57
N GLU A 42 -0.96 -27.31 12.01
CA GLU A 42 -1.89 -27.42 10.90
C GLU A 42 -3.07 -28.18 11.35
N GLN A 43 -4.24 -27.81 10.82
CA GLN A 43 -5.47 -28.42 11.21
C GLN A 43 -6.46 -28.39 10.07
N ARG A 44 -7.50 -29.17 10.20
CA ARG A 44 -8.56 -29.21 9.24
C ARG A 44 -9.75 -28.47 9.83
N ASN A 45 -10.36 -27.57 9.05
CA ASN A 45 -11.59 -26.88 9.46
C ASN A 45 -12.69 -27.94 9.64
N GLU A 46 -13.41 -27.86 10.75
CA GLU A 46 -14.43 -28.87 11.10
C GLU A 46 -15.62 -28.89 10.13
N THR A 47 -16.11 -27.73 9.74
CA THR A 47 -17.27 -27.64 8.85
C THR A 47 -16.88 -27.88 7.40
N SER A 48 -15.77 -27.29 6.94
CA SER A 48 -15.40 -27.34 5.53
C SER A 48 -14.38 -28.42 5.13
N GLY A 49 -13.59 -28.91 6.08
CA GLY A 49 -12.54 -29.89 5.82
C GLY A 49 -11.30 -29.31 5.19
N GLU A 50 -11.28 -27.97 4.97
CA GLU A 50 -10.15 -27.29 4.35
C GLU A 50 -8.97 -27.17 5.31
N LYS A 51 -7.77 -27.08 4.74
CA LYS A 51 -6.55 -26.98 5.51
C LYS A 51 -6.44 -25.59 6.15
N GLU A 52 -6.01 -25.56 7.42
CA GLU A 52 -5.82 -24.34 8.18
C GLU A 52 -4.44 -24.34 8.83
N LEU A 53 -3.90 -23.14 9.03
CA LEU A 53 -2.62 -22.94 9.67
C LEU A 53 -2.88 -22.09 10.88
N LYS A 54 -2.50 -22.59 12.07
CA LYS A 54 -2.77 -21.82 13.29
C LYS A 54 -1.47 -21.33 13.93
N PHE A 55 -1.46 -20.03 14.26
CA PHE A 55 -0.34 -19.41 14.97
C PHE A 55 -0.82 -19.07 16.37
N GLU A 56 -0.07 -19.49 17.38
CA GLU A 56 -0.40 -19.22 18.77
C GLU A 56 0.81 -18.69 19.49
N ILE A 57 0.65 -17.54 20.17
CA ILE A 57 1.69 -16.91 20.97
C ILE A 57 1.20 -16.90 22.44
N SER A 58 2.08 -17.28 23.34
CA SER A 58 1.81 -17.35 24.76
C SER A 58 3.11 -17.10 25.50
N ARG A 59 3.06 -16.97 26.82
CA ARG A 59 4.28 -16.81 27.59
C ARG A 59 3.98 -17.20 29.02
N SER A 60 4.92 -17.91 29.69
CA SER A 60 4.78 -18.36 31.08
C SER A 60 4.60 -17.19 32.08
N ASP A 61 5.15 -16.00 31.75
CA ASP A 61 5.06 -14.77 32.53
C ASP A 61 3.61 -14.38 32.85
N ASP A 62 2.64 -14.75 31.98
CA ASP A 62 1.27 -14.30 32.11
C ASP A 62 0.27 -15.25 31.43
N PHE A 63 -0.46 -16.00 32.23
CA PHE A 63 -1.50 -16.92 31.75
C PHE A 63 -2.56 -16.19 30.92
N GLU A 64 -2.74 -14.86 31.14
CA GLU A 64 -3.68 -14.07 30.36
C GLU A 64 -3.09 -13.70 28.99
N PHE A 65 -1.80 -14.01 28.77
CA PHE A 65 -1.12 -13.70 27.51
C PHE A 65 -1.34 -14.83 26.51
N LEU A 66 -2.45 -14.75 25.78
CA LEU A 66 -2.82 -15.79 24.82
C LEU A 66 -3.43 -15.18 23.58
N PHE A 67 -2.70 -15.32 22.49
CA PHE A 67 -3.10 -14.80 21.19
C PHE A 67 -2.96 -15.87 20.13
N SER A 68 -3.87 -15.87 19.16
CA SER A 68 -3.82 -16.79 18.05
C SER A 68 -4.46 -16.23 16.81
N GLU A 69 -4.19 -16.86 15.69
CA GLU A 69 -4.81 -16.58 14.41
C GLU A 69 -4.77 -17.84 13.59
N THR A 70 -5.87 -18.13 12.89
CA THR A 70 -5.97 -19.28 12.02
C THR A 70 -6.10 -18.79 10.61
N LEU A 71 -5.17 -19.21 9.76
CA LEU A 71 -5.18 -18.85 8.36
C LEU A 71 -5.66 -20.00 7.50
N ASN A 72 -6.58 -19.70 6.60
CA ASN A 72 -6.95 -20.63 5.56
C ASN A 72 -6.34 -20.08 4.27
N ASN A 73 -6.55 -20.77 3.16
CA ASN A 73 -5.95 -20.38 1.89
C ASN A 73 -6.33 -18.95 1.49
N GLU A 74 -7.59 -18.54 1.69
CA GLU A 74 -8.08 -17.21 1.34
C GLU A 74 -7.40 -16.12 2.17
N LYS A 75 -7.35 -16.32 3.49
CA LYS A 75 -6.70 -15.38 4.41
C LYS A 75 -5.24 -15.25 4.02
N TYR A 76 -4.62 -16.39 3.65
CA TYR A 76 -3.22 -16.42 3.27
C TYR A 76 -2.98 -15.59 2.02
N GLN A 77 -3.86 -15.66 1.03
CA GLN A 77 -3.70 -14.89 -0.21
C GLN A 77 -3.58 -13.41 0.06
N ILE A 78 -4.31 -12.92 1.06
CA ILE A 78 -4.23 -11.51 1.48
C ILE A 78 -2.84 -11.24 2.09
N LEU A 79 -2.37 -12.15 2.94
CA LEU A 79 -1.06 -12.04 3.56
C LEU A 79 0.07 -12.07 2.51
N ALA A 80 -0.02 -13.00 1.54
CA ALA A 80 0.96 -13.12 0.48
C ALA A 80 1.00 -11.85 -0.31
N ARG A 81 -0.16 -11.25 -0.56
CA ARG A 81 -0.27 -10.04 -1.34
C ARG A 81 0.41 -8.88 -0.59
N ASP A 82 0.12 -8.76 0.71
CA ASP A 82 0.65 -7.67 1.50
C ASP A 82 2.15 -7.75 1.71
N HIS A 83 2.74 -8.94 1.64
CA HIS A 83 4.17 -9.11 1.92
C HIS A 83 4.99 -9.66 0.75
N ASP A 84 4.40 -9.67 -0.44
CA ASP A 84 5.04 -10.14 -1.65
C ASP A 84 5.60 -11.55 -1.50
N LEU A 85 4.86 -12.43 -0.80
CA LEU A 85 5.24 -13.82 -0.64
C LEU A 85 4.97 -14.53 -1.97
N THR A 86 5.89 -15.40 -2.41
CA THR A 86 5.70 -16.11 -3.67
C THR A 86 5.43 -17.59 -3.43
N VAL A 87 5.56 -18.03 -2.18
CA VAL A 87 5.28 -19.43 -1.87
C VAL A 87 3.79 -19.64 -1.66
N ASP A 88 3.32 -20.84 -1.98
CA ASP A 88 1.92 -21.14 -1.82
C ASP A 88 1.61 -21.44 -0.36
N PHE A 89 0.33 -21.48 -0.04
CA PHE A 89 -0.17 -21.76 1.28
C PHE A 89 0.39 -23.07 1.86
N ASP A 90 0.49 -24.15 1.03
CA ASP A 90 1.03 -25.45 1.46
C ASP A 90 2.50 -25.37 1.83
N ALA A 91 3.30 -24.60 1.09
CA ALA A 91 4.74 -24.48 1.33
C ALA A 91 5.11 -23.47 2.41
N PHE A 92 4.25 -22.47 2.62
CA PHE A 92 4.48 -21.39 3.57
C PHE A 92 4.97 -21.89 4.93
N PRO A 93 4.26 -22.81 5.63
CA PRO A 93 4.71 -23.21 6.96
C PRO A 93 6.07 -23.92 6.95
N LYS A 94 6.35 -24.69 5.92
CA LYS A 94 7.59 -25.44 5.82
C LYS A 94 8.79 -24.50 5.72
N VAL A 95 8.64 -23.46 4.92
CA VAL A 95 9.68 -22.45 4.68
C VAL A 95 9.93 -21.59 5.94
N ILE A 96 8.86 -21.08 6.58
CA ILE A 96 8.95 -20.24 7.78
C ILE A 96 9.59 -21.06 8.91
N ILE A 97 9.16 -22.33 9.07
CA ILE A 97 9.70 -23.18 10.11
C ILE A 97 11.15 -23.50 9.83
N GLN A 98 11.48 -23.84 8.57
CA GLN A 98 12.87 -24.10 8.22
C GLN A 98 13.76 -22.88 8.54
N HIS A 99 13.22 -21.67 8.34
CA HIS A 99 13.91 -20.43 8.66
C HIS A 99 14.16 -20.32 10.17
N LEU A 100 13.11 -20.55 10.98
CA LEU A 100 13.19 -20.46 12.44
C LEU A 100 14.14 -21.50 13.06
N LEU A 101 14.27 -22.68 12.46
N LEU A 101 14.28 -22.68 12.40
CA LEU A 101 15.17 -23.67 13.06
CA LEU A 101 15.12 -23.79 12.83
C LEU A 101 16.61 -23.11 12.97
C LEU A 101 16.59 -23.65 12.33
N CYS A 102 17.05 -22.47 14.11
N CYS A 102 16.86 -22.63 11.47
CA CYS A 102 18.34 -21.80 14.15
CA CYS A 102 18.14 -22.39 10.85
C CYS A 102 19.37 -22.42 15.11
C CYS A 102 19.08 -21.56 11.70
N LYS A 103 20.32 -23.10 14.48
N LYS A 103 18.62 -20.89 12.74
CA LYS A 103 21.47 -23.57 15.18
CA LYS A 103 19.45 -20.12 13.67
C LYS A 103 22.43 -22.38 15.32
C LYS A 103 20.81 -20.83 14.16
N ASN A 104 22.48 -21.83 16.51
N ASN A 104 21.74 -19.96 14.59
CA ASN A 104 23.45 -20.78 16.82
CA ASN A 104 23.06 -20.13 15.12
C ASN A 104 24.57 -21.54 17.54
C ASN A 104 22.95 -20.06 16.65
N ILE A 105 25.72 -21.55 16.89
N ILE A 105 23.34 -21.16 17.33
CA ILE A 105 26.92 -22.21 17.34
CA ILE A 105 23.25 -21.42 18.77
C ILE A 105 27.76 -21.18 18.06
C ILE A 105 24.09 -20.43 19.60
N VAL A 106 27.08 -20.12 18.57
N VAL A 106 25.36 -20.13 19.18
CA VAL A 106 27.63 -19.00 19.32
CA VAL A 106 26.35 -19.26 19.85
C VAL A 106 27.85 -19.50 20.76
C VAL A 106 26.77 -19.92 21.19
N LYS A 107 28.77 -20.49 20.90
N LYS A 107 28.04 -20.41 21.23
CA LYS A 107 29.15 -21.14 22.15
CA LYS A 107 28.66 -21.10 22.37
C LYS A 107 30.08 -20.18 22.92
C LYS A 107 29.85 -20.28 22.96
N ASN A 108 29.49 -19.17 23.63
CA ASN A 108 30.31 -18.16 24.35
C ASN A 108 31.13 -18.79 25.53
N LEU A 109 32.42 -19.12 25.28
CA LEU A 109 33.27 -19.72 26.31
C LEU A 109 34.50 -18.85 26.59
N LYS A 131 21.67 -6.55 20.63
CA LYS A 131 21.14 -7.91 20.46
C LYS A 131 19.96 -7.89 19.44
N PRO A 132 20.24 -8.05 18.11
CA PRO A 132 19.14 -8.04 17.12
C PRO A 132 18.18 -9.20 17.33
N THR A 133 16.90 -8.88 17.57
CA THR A 133 15.86 -9.86 17.91
C THR A 133 15.32 -10.74 16.73
N GLU A 134 14.87 -10.13 15.58
CA GLU A 134 14.25 -10.75 14.37
C GLU A 134 12.72 -11.02 14.53
N ILE A 135 12.17 -10.85 15.78
CA ILE A 135 10.74 -10.98 16.09
C ILE A 135 10.26 -9.76 16.86
N ASN A 136 9.30 -9.05 16.29
CA ASN A 136 8.67 -7.91 16.94
C ASN A 136 7.22 -8.22 17.28
N ILE A 137 6.81 -7.90 18.52
CA ILE A 137 5.42 -8.08 18.93
C ILE A 137 4.87 -6.76 19.45
N ILE A 138 3.75 -6.30 18.87
CA ILE A 138 3.12 -5.04 19.28
C ILE A 138 1.77 -5.32 19.89
N LEU A 139 1.58 -4.95 21.16
CA LEU A 139 0.34 -5.22 21.88
C LEU A 139 -0.69 -4.12 21.84
N ASP A 140 -1.95 -4.51 22.07
CA ASP A 140 -3.08 -3.62 22.23
C ASP A 140 -3.16 -3.14 23.68
N ALA A 141 -3.66 -1.92 23.89
CA ALA A 141 -3.88 -1.43 25.25
C ALA A 141 -5.00 -2.23 25.95
N GLU A 142 -6.02 -2.68 25.18
CA GLU A 142 -7.12 -3.47 25.72
C GLU A 142 -6.81 -4.96 25.69
N LYS A 143 -5.63 -5.34 25.13
CA LYS A 143 -5.19 -6.73 25.06
C LYS A 143 -6.13 -7.55 24.19
N ASN A 144 -6.64 -6.94 23.11
CA ASN A 144 -7.52 -7.64 22.20
C ASN A 144 -6.74 -8.23 21.08
N PHE A 145 -5.57 -7.65 20.81
CA PHE A 145 -4.74 -8.19 19.75
C PHE A 145 -3.28 -7.84 19.97
N CYS A 146 -2.45 -8.50 19.16
CA CYS A 146 -1.03 -8.23 19.02
C CYS A 146 -0.58 -8.56 17.61
N SER A 147 0.27 -7.69 17.06
CA SER A 147 0.88 -7.85 15.74
C SER A 147 2.16 -8.60 15.89
N PHE A 148 2.28 -9.71 15.19
CA PHE A 148 3.47 -10.55 15.25
C PHE A 148 4.27 -10.31 13.98
N GLU A 149 5.50 -9.79 14.05
CA GLU A 149 6.32 -9.58 12.84
C GLU A 149 7.62 -10.38 12.82
N LEU A 150 7.90 -11.05 11.68
CA LEU A 150 9.10 -11.87 11.51
C LEU A 150 10.03 -11.23 10.48
N PHE A 151 11.34 -11.17 10.79
CA PHE A 151 12.35 -10.56 9.92
C PHE A 151 13.55 -11.46 9.65
N SER A 152 14.13 -11.32 8.45
CA SER A 152 15.40 -11.94 8.08
C SER A 152 16.28 -10.86 7.45
N LYS A 153 17.14 -10.22 8.27
CA LYS A 153 17.97 -9.08 7.84
C LYS A 153 18.79 -9.36 6.56
N THR A 154 18.87 -8.34 5.68
CA THR A 154 19.69 -8.34 4.48
C THR A 154 20.70 -7.22 4.62
N PRO A 155 21.75 -7.16 3.79
CA PRO A 155 22.69 -6.04 3.87
C PRO A 155 22.09 -4.67 3.51
N TRP A 156 20.87 -4.60 2.93
CA TRP A 156 20.27 -3.33 2.49
C TRP A 156 18.93 -3.04 3.13
N SER A 157 18.40 -3.98 3.92
CA SER A 157 17.07 -3.85 4.48
C SER A 157 16.88 -4.66 5.75
N LYS A 158 15.74 -4.38 6.42
CA LYS A 158 15.31 -5.10 7.62
C LYS A 158 14.90 -6.55 7.27
N GLY A 159 14.43 -6.78 6.04
CA GLY A 159 14.04 -8.08 5.54
C GLY A 159 12.80 -8.65 6.19
N LYS A 160 11.76 -7.81 6.29
CA LYS A 160 10.49 -8.23 6.87
C LYS A 160 9.97 -9.40 6.04
N ILE A 161 9.62 -10.52 6.69
CA ILE A 161 9.05 -11.67 5.99
C ILE A 161 7.55 -11.50 5.91
N PHE A 162 6.90 -11.31 7.09
CA PHE A 162 5.47 -11.05 7.19
C PHE A 162 5.11 -10.53 8.58
N SER A 163 3.90 -9.96 8.70
CA SER A 163 3.31 -9.59 9.97
C SER A 163 1.93 -10.18 10.02
N ILE A 164 1.56 -10.69 11.17
CA ILE A 164 0.25 -11.30 11.33
C ILE A 164 -0.39 -10.72 12.55
N LYS A 165 -1.64 -10.32 12.41
CA LYS A 165 -2.44 -9.85 13.54
C LYS A 165 -3.00 -11.06 14.22
N LEU A 166 -2.63 -11.27 15.48
CA LEU A 166 -3.17 -12.33 16.31
C LEU A 166 -4.20 -11.74 17.24
N HIS A 167 -5.25 -12.49 17.54
CA HIS A 167 -6.39 -12.07 18.38
C HIS A 167 -6.38 -12.77 19.73
N ALA A 168 -6.84 -12.08 20.78
CA ALA A 168 -6.89 -12.61 22.14
C ALA A 168 -7.76 -13.83 22.21
N VAL A 169 -7.25 -14.86 22.91
CA VAL A 169 -7.96 -16.13 23.07
C VAL A 169 -8.84 -16.03 24.31
N ARG A 170 -10.15 -15.81 24.03
CA ARG A 170 -11.29 -15.67 24.95
C ARG A 170 -12.61 -15.59 24.17
N SER B 5 13.42 5.64 26.53
CA SER B 5 13.10 4.20 26.58
C SER B 5 11.68 3.89 26.07
N LYS B 6 10.79 4.93 26.06
CA LYS B 6 9.42 4.78 25.58
C LYS B 6 9.26 5.52 24.26
N ILE B 7 8.51 4.93 23.31
CA ILE B 7 8.29 5.53 22.00
C ILE B 7 6.80 5.81 21.76
N ALA B 8 6.52 6.99 21.20
CA ALA B 8 5.16 7.40 20.90
C ALA B 8 4.65 6.70 19.65
N LEU B 9 3.61 5.89 19.77
CA LEU B 9 2.97 5.21 18.64
C LEU B 9 1.50 5.55 18.58
N PHE B 10 0.97 5.52 17.35
CA PHE B 10 -0.43 5.67 17.06
C PHE B 10 -0.76 4.82 15.85
N ASP B 11 -1.81 4.02 15.97
CA ASP B 11 -2.27 3.14 14.89
C ASP B 11 -3.74 2.97 15.05
N GLN B 12 -4.54 3.76 14.33
CA GLN B 12 -5.98 3.73 14.52
C GLN B 12 -6.77 4.08 13.26
N THR B 13 -8.01 3.55 13.17
CA THR B 13 -8.92 3.88 12.06
C THR B 13 -9.72 5.11 12.47
N LEU B 14 -9.66 6.13 11.65
CA LEU B 14 -10.31 7.40 11.93
C LEU B 14 -11.21 7.80 10.81
N ILE B 15 -12.14 8.71 11.08
CA ILE B 15 -12.96 9.30 10.05
C ILE B 15 -12.25 10.57 9.58
N ALA B 16 -11.99 10.62 8.29
CA ALA B 16 -11.35 11.77 7.66
C ALA B 16 -12.21 12.28 6.55
N SER B 17 -12.06 13.56 6.25
CA SER B 17 -12.70 14.15 5.09
C SER B 17 -11.74 14.01 3.96
N LEU B 18 -12.18 13.37 2.89
CA LEU B 18 -11.35 13.15 1.73
C LEU B 18 -11.81 14.08 0.65
N LEU B 19 -10.91 14.93 0.13
CA LEU B 19 -11.26 15.84 -0.98
C LEU B 19 -10.52 15.36 -2.20
N GLN B 20 -11.26 15.06 -3.30
CA GLN B 20 -10.68 14.48 -4.52
C GLN B 20 -11.62 14.70 -5.69
N PRO B 21 -11.23 14.43 -6.96
CA PRO B 21 -12.18 14.65 -8.07
C PRO B 21 -13.41 13.73 -7.99
N LEU B 22 -14.55 14.20 -8.53
CA LEU B 22 -15.79 13.42 -8.63
C LEU B 22 -15.54 12.11 -9.38
N SER B 23 -14.72 12.19 -10.43
CA SER B 23 -14.40 11.08 -11.32
C SER B 23 -13.25 11.44 -12.23
N LEU B 24 -12.75 10.42 -12.89
CA LEU B 24 -11.68 10.49 -13.85
C LEU B 24 -12.05 11.39 -15.03
N ASN B 25 -13.36 11.54 -15.31
CA ASN B 25 -13.88 12.24 -16.47
C ASN B 25 -14.51 13.59 -16.17
N GLN B 26 -14.45 14.02 -14.90
CA GLN B 26 -15.04 15.27 -14.48
C GLN B 26 -14.06 16.14 -13.69
N PRO B 27 -14.01 17.45 -14.02
CA PRO B 27 -13.08 18.36 -13.36
C PRO B 27 -13.31 18.61 -11.87
N ASP B 28 -14.57 18.63 -11.46
CA ASP B 28 -14.98 18.99 -10.10
C ASP B 28 -14.47 18.08 -9.01
N PHE B 29 -14.35 18.66 -7.80
CA PHE B 29 -13.96 17.98 -6.54
C PHE B 29 -15.17 17.64 -5.66
N LYS B 30 -15.04 16.56 -4.93
CA LYS B 30 -16.02 15.99 -4.02
C LYS B 30 -15.39 15.85 -2.65
N ALA B 31 -16.18 16.10 -1.60
CA ALA B 31 -15.73 15.90 -0.22
C ALA B 31 -16.61 14.86 0.45
N TYR B 32 -15.99 13.79 0.95
CA TYR B 32 -16.74 12.77 1.63
C TYR B 32 -16.02 12.26 2.83
N LYS B 33 -16.80 11.87 3.86
CA LYS B 33 -16.24 11.29 5.07
C LYS B 33 -15.92 9.84 4.75
N THR B 34 -14.70 9.42 5.00
CA THR B 34 -14.25 8.05 4.77
C THR B 34 -13.40 7.57 5.94
N LYS B 35 -13.34 6.24 6.15
CA LYS B 35 -12.49 5.68 7.19
C LYS B 35 -11.08 5.46 6.66
N VAL B 36 -10.08 5.97 7.38
CA VAL B 36 -8.69 5.82 7.00
C VAL B 36 -7.89 5.29 8.19
N LYS B 37 -6.89 4.47 7.94
CA LYS B 37 -6.01 4.02 9.01
C LYS B 37 -4.82 4.99 9.06
N LEU B 38 -4.64 5.64 10.20
CA LEU B 38 -3.53 6.53 10.41
C LEU B 38 -2.51 5.87 11.34
N LYS B 39 -1.25 5.82 10.90
CA LYS B 39 -0.17 5.31 11.72
C LYS B 39 0.84 6.40 11.90
N ILE B 40 1.16 6.73 13.14
CA ILE B 40 2.24 7.67 13.48
C ILE B 40 3.24 6.94 14.33
N SER B 41 4.49 6.92 13.92
CA SER B 41 5.45 6.17 14.72
C SER B 41 6.70 6.96 14.87
N GLU B 42 7.30 6.94 16.07
CA GLU B 42 8.61 7.54 16.17
C GLU B 42 9.61 6.40 16.11
N GLN B 43 10.71 6.63 15.37
CA GLN B 43 11.70 5.61 15.12
C GLN B 43 13.07 6.21 15.05
N ARG B 44 14.08 5.37 15.11
CA ARG B 44 15.44 5.81 15.03
C ARG B 44 15.96 5.45 13.65
N ASN B 45 16.62 6.40 12.96
CA ASN B 45 17.28 6.13 11.67
C ASN B 45 18.36 5.07 11.93
N GLU B 46 18.41 4.06 11.08
CA GLU B 46 19.28 2.90 11.23
C GLU B 46 20.76 3.25 11.15
N THR B 47 21.14 4.08 10.16
CA THR B 47 22.53 4.45 9.97
C THR B 47 22.97 5.53 10.93
N SER B 48 22.14 6.57 11.16
CA SER B 48 22.53 7.74 11.93
C SER B 48 22.14 7.73 13.39
N GLY B 49 21.12 6.97 13.75
CA GLY B 49 20.62 6.93 15.12
C GLY B 49 19.72 8.12 15.44
N GLU B 50 19.51 9.06 14.47
CA GLU B 50 18.70 10.25 14.69
C GLU B 50 17.22 9.89 14.77
N LYS B 51 16.47 10.71 15.52
CA LYS B 51 15.04 10.49 15.71
C LYS B 51 14.27 10.83 14.44
N GLU B 52 13.29 9.99 14.10
CA GLU B 52 12.43 10.15 12.93
C GLU B 52 10.96 9.99 13.33
N LEU B 53 10.08 10.64 12.58
CA LEU B 53 8.65 10.57 12.81
C LEU B 53 8.01 10.11 11.50
N LYS B 54 7.32 8.98 11.50
CA LYS B 54 6.73 8.46 10.27
C LYS B 54 5.23 8.55 10.29
N PHE B 55 4.66 9.10 9.21
CA PHE B 55 3.21 9.17 9.03
C PHE B 55 2.82 8.27 7.89
N GLU B 56 1.84 7.41 8.12
CA GLU B 56 1.33 6.53 7.08
C GLU B 56 -0.20 6.58 7.09
N ILE B 57 -0.80 6.77 5.92
CA ILE B 57 -2.25 6.63 5.77
C ILE B 57 -2.54 5.56 4.75
N SER B 58 -3.51 4.74 5.11
CA SER B 58 -3.95 3.63 4.28
C SER B 58 -5.44 3.42 4.52
N ARG B 59 -6.07 2.56 3.74
CA ARG B 59 -7.47 2.25 3.98
C ARG B 59 -7.78 0.90 3.40
N SER B 60 -8.66 0.12 4.04
CA SER B 60 -9.01 -1.23 3.58
C SER B 60 -9.83 -1.24 2.27
N ASP B 61 -10.46 -0.11 1.90
CA ASP B 61 -11.23 0.01 0.67
C ASP B 61 -10.37 -0.16 -0.58
N ASP B 62 -9.07 0.20 -0.48
CA ASP B 62 -8.18 0.24 -1.62
C ASP B 62 -6.73 -0.05 -1.21
N PHE B 63 -6.23 -1.22 -1.63
CA PHE B 63 -4.87 -1.66 -1.34
C PHE B 63 -3.82 -0.69 -1.92
N GLU B 64 -4.18 0.01 -3.01
CA GLU B 64 -3.29 0.98 -3.65
C GLU B 64 -3.32 2.32 -2.91
N PHE B 65 -4.19 2.47 -1.89
CA PHE B 65 -4.27 3.71 -1.12
C PHE B 65 -3.19 3.69 -0.04
N LEU B 66 -1.98 4.15 -0.38
CA LEU B 66 -0.87 4.12 0.55
C LEU B 66 0.00 5.33 0.39
N PHE B 67 0.00 6.15 1.43
CA PHE B 67 0.81 7.36 1.49
C PHE B 67 1.60 7.42 2.76
N SER B 68 2.86 7.86 2.67
CA SER B 68 3.70 8.01 3.86
C SER B 68 4.70 9.12 3.71
N GLU B 69 5.27 9.53 4.84
CA GLU B 69 6.31 10.52 4.92
C GLU B 69 7.08 10.28 6.21
N THR B 70 8.40 10.38 6.18
CA THR B 70 9.26 10.26 7.36
C THR B 70 9.91 11.61 7.58
N LEU B 71 9.69 12.18 8.76
CA LEU B 71 10.25 13.48 9.14
C LEU B 71 11.40 13.30 10.05
N ASN B 72 12.50 13.97 9.74
CA ASN B 72 13.63 14.09 10.63
C ASN B 72 13.61 15.53 11.14
N ASN B 73 14.57 15.88 11.99
CA ASN B 73 14.60 17.19 12.59
C ASN B 73 14.62 18.32 11.56
N GLU B 74 15.39 18.16 10.47
CA GLU B 74 15.50 19.17 9.41
C GLU B 74 14.17 19.40 8.68
N LYS B 75 13.54 18.30 8.25
CA LYS B 75 12.24 18.35 7.58
C LYS B 75 11.22 19.01 8.51
N TYR B 76 11.28 18.67 9.82
CA TYR B 76 10.38 19.23 10.81
C TYR B 76 10.52 20.72 10.92
N GLN B 77 11.76 21.23 10.90
CA GLN B 77 12.01 22.67 11.01
C GLN B 77 11.26 23.45 9.96
N ILE B 78 11.17 22.89 8.74
CA ILE B 78 10.41 23.51 7.65
C ILE B 78 8.91 23.52 8.01
N LEU B 79 8.41 22.39 8.52
CA LEU B 79 7.01 22.27 8.90
C LEU B 79 6.66 23.23 10.05
N ALA B 80 7.53 23.32 11.08
CA ALA B 80 7.30 24.18 12.22
C ALA B 80 7.29 25.62 11.77
N ARG B 81 8.13 25.96 10.79
CA ARG B 81 8.22 27.30 10.25
C ARG B 81 6.93 27.65 9.51
N ASP B 82 6.45 26.74 8.66
CA ASP B 82 5.27 26.99 7.86
C ASP B 82 3.98 27.07 8.69
N HIS B 83 3.93 26.41 9.87
CA HIS B 83 2.70 26.36 10.66
C HIS B 83 2.81 26.99 12.03
N ASP B 84 3.90 27.74 12.26
CA ASP B 84 4.16 28.46 13.52
C ASP B 84 4.08 27.52 14.71
N LEU B 85 4.62 26.30 14.57
CA LEU B 85 4.68 25.35 15.67
C LEU B 85 5.78 25.79 16.63
N THR B 86 5.52 25.77 17.93
CA THR B 86 6.53 26.22 18.91
C THR B 86 7.10 25.02 19.69
N VAL B 87 6.54 23.84 19.46
CA VAL B 87 6.99 22.62 20.12
C VAL B 87 8.17 22.07 19.33
N ASP B 88 9.18 21.53 20.02
CA ASP B 88 10.35 21.01 19.33
C ASP B 88 10.03 19.66 18.70
N PHE B 89 10.93 19.21 17.86
CA PHE B 89 10.80 17.94 17.18
C PHE B 89 10.57 16.77 18.18
N ASP B 90 11.27 16.72 19.33
CA ASP B 90 11.10 15.67 20.36
C ASP B 90 9.70 15.63 20.95
N ALA B 91 9.11 16.81 21.20
CA ALA B 91 7.79 16.89 21.82
C ALA B 91 6.63 16.75 20.83
N PHE B 92 6.88 17.11 19.55
CA PHE B 92 5.88 17.12 18.50
C PHE B 92 5.04 15.85 18.48
N PRO B 93 5.63 14.65 18.36
CA PRO B 93 4.80 13.43 18.26
C PRO B 93 3.94 13.15 19.44
N LYS B 94 4.44 13.43 20.63
CA LYS B 94 3.73 13.17 21.88
C LYS B 94 2.48 14.03 21.96
N VAL B 95 2.61 15.31 21.59
CA VAL B 95 1.56 16.32 21.61
C VAL B 95 0.47 15.99 20.58
N ILE B 96 0.86 15.71 19.32
CA ILE B 96 -0.07 15.39 18.23
C ILE B 96 -0.85 14.11 18.56
N ILE B 97 -0.14 13.10 19.05
CA ILE B 97 -0.77 11.85 19.40
C ILE B 97 -1.71 12.04 20.59
N GLN B 98 -1.25 12.77 21.63
CA GLN B 98 -2.13 13.02 22.75
C GLN B 98 -3.41 13.76 22.30
N HIS B 99 -3.29 14.64 21.30
CA HIS B 99 -4.41 15.36 20.75
C HIS B 99 -5.41 14.40 20.09
N LEU B 100 -4.92 13.47 19.29
CA LEU B 100 -5.75 12.47 18.58
C LEU B 100 -6.46 11.50 19.50
N LEU B 101 -5.85 11.19 20.65
CA LEU B 101 -6.38 10.28 21.67
C LEU B 101 -7.44 10.96 22.51
N CYS B 102 -7.32 12.30 22.65
CA CYS B 102 -8.25 13.18 23.35
C CYS B 102 -9.50 13.26 22.54
N LYS B 103 -9.37 13.34 21.21
CA LYS B 103 -10.52 13.31 20.32
C LYS B 103 -11.30 11.99 20.43
N ASN B 104 -10.63 10.88 20.85
CA ASN B 104 -11.31 9.61 21.03
C ASN B 104 -12.09 9.61 22.31
N ILE B 105 -11.55 10.25 23.37
CA ILE B 105 -12.30 10.36 24.62
C ILE B 105 -13.54 11.22 24.36
N VAL B 106 -13.44 12.27 23.51
CA VAL B 106 -14.58 13.12 23.11
C VAL B 106 -15.64 12.32 22.37
N LYS B 107 -15.24 11.20 21.72
N LYS B 107 -15.23 11.58 21.29
CA LYS B 107 -16.19 10.26 21.12
CA LYS B 107 -16.12 10.86 20.39
C LYS B 107 -16.82 9.36 22.26
C LYS B 107 -16.67 9.54 20.99
N ASN B 108 -17.04 9.95 23.48
N ASN B 108 -16.12 9.06 22.14
CA ASN B 108 -17.71 9.36 24.64
CA ASN B 108 -16.65 7.89 22.86
C ASN B 108 -19.14 9.92 24.63
C ASN B 108 -17.93 8.31 23.61
N LEU B 109 -19.73 9.92 23.42
N LEU B 109 -18.88 8.88 22.84
CA LEU B 109 -21.08 10.40 23.13
CA LEU B 109 -20.18 9.37 23.29
C LEU B 109 -22.05 9.25 22.73
C LEU B 109 -21.23 8.27 23.07
N GLU B 110 -22.40 8.39 23.72
CA GLU B 110 -23.43 7.34 23.60
C GLU B 110 -24.81 7.98 23.43
N GLU B 111 -25.70 7.28 22.66
CA GLU B 111 -27.09 7.65 22.30
C GLU B 111 -27.17 9.05 21.68
N PRO B 132 -18.51 16.96 12.25
CA PRO B 132 -17.40 17.59 11.53
C PRO B 132 -16.04 16.96 11.85
N THR B 133 -15.34 16.60 10.78
CA THR B 133 -14.03 15.95 10.84
C THR B 133 -12.93 16.95 11.16
N GLU B 134 -11.94 16.47 11.90
CA GLU B 134 -10.75 17.21 12.33
C GLU B 134 -9.51 16.76 11.53
N ILE B 135 -9.71 15.80 10.60
CA ILE B 135 -8.68 15.34 9.69
C ILE B 135 -9.15 15.53 8.27
N ASN B 136 -8.35 16.21 7.46
CA ASN B 136 -8.64 16.42 6.04
C ASN B 136 -7.53 15.82 5.19
N ILE B 137 -7.90 15.10 4.14
CA ILE B 137 -6.95 14.53 3.19
C ILE B 137 -7.29 15.06 1.81
N ILE B 138 -6.32 15.70 1.15
CA ILE B 138 -6.55 16.25 -0.17
C ILE B 138 -5.73 15.48 -1.19
N LEU B 139 -6.46 14.83 -2.10
CA LEU B 139 -5.99 14.09 -3.27
C LEU B 139 -6.35 14.90 -4.49
N ASP B 140 -5.40 15.20 -5.37
CA ASP B 140 -5.73 16.07 -6.50
C ASP B 140 -5.22 15.43 -7.78
N ALA B 141 -5.06 16.24 -8.84
CA ALA B 141 -4.59 15.76 -10.14
C ALA B 141 -3.14 15.25 -10.07
N GLU B 142 -2.37 15.64 -9.03
CA GLU B 142 -1.02 15.13 -8.80
C GLU B 142 -1.16 13.91 -7.94
N LYS B 143 -1.21 12.78 -8.63
CA LYS B 143 -1.48 11.54 -7.99
C LYS B 143 -0.31 11.03 -7.14
N ASN B 144 0.88 11.65 -7.22
CA ASN B 144 2.12 11.32 -6.52
C ASN B 144 2.06 11.57 -5.02
N PHE B 145 1.10 12.41 -4.58
CA PHE B 145 1.02 12.76 -3.18
C PHE B 145 -0.36 13.18 -2.77
N CYS B 146 -0.54 13.26 -1.44
CA CYS B 146 -1.74 13.78 -0.78
C CYS B 146 -1.31 14.69 0.32
N SER B 147 -2.16 15.66 0.63
CA SER B 147 -1.90 16.58 1.74
C SER B 147 -2.71 16.10 2.95
N PHE B 148 -2.03 15.78 4.03
CA PHE B 148 -2.69 15.34 5.26
C PHE B 148 -2.81 16.53 6.19
N GLU B 149 -4.03 16.96 6.53
CA GLU B 149 -4.22 18.13 7.40
C GLU B 149 -4.92 17.80 8.72
N LEU B 150 -4.36 18.31 9.82
CA LEU B 150 -4.92 18.11 11.14
C LEU B 150 -5.44 19.43 11.72
N PHE B 151 -6.65 19.41 12.31
CA PHE B 151 -7.31 20.61 12.85
C PHE B 151 -7.79 20.45 14.29
N SER B 152 -7.73 21.54 15.06
CA SER B 152 -8.33 21.61 16.40
C SER B 152 -9.15 22.89 16.45
N LYS B 153 -10.47 22.78 16.18
CA LYS B 153 -11.37 23.94 16.06
C LYS B 153 -11.28 24.91 17.23
N THR B 154 -11.32 26.21 16.91
CA THR B 154 -11.41 27.25 17.90
C THR B 154 -12.76 27.95 17.74
N PRO B 155 -13.18 28.81 18.69
CA PRO B 155 -14.41 29.58 18.46
C PRO B 155 -14.31 30.61 17.33
N TRP B 156 -13.10 30.88 16.76
CA TRP B 156 -12.93 31.93 15.74
C TRP B 156 -12.32 31.41 14.46
N SER B 157 -11.88 30.16 14.46
CA SER B 157 -11.17 29.61 13.31
C SER B 157 -11.27 28.10 13.22
N LYS B 158 -10.83 27.54 12.09
CA LYS B 158 -10.77 26.10 11.85
C LYS B 158 -9.70 25.44 12.74
N GLY B 159 -8.68 26.21 13.16
CA GLY B 159 -7.63 25.75 14.04
C GLY B 159 -6.68 24.74 13.44
N LYS B 160 -6.27 25.00 12.20
CA LYS B 160 -5.32 24.12 11.51
C LYS B 160 -4.07 23.98 12.37
N ILE B 161 -3.65 22.74 12.65
CA ILE B 161 -2.43 22.50 13.41
C ILE B 161 -1.25 22.47 12.43
N PHE B 162 -1.35 21.59 11.39
CA PHE B 162 -0.37 21.48 10.33
C PHE B 162 -0.94 20.69 9.15
N SER B 163 -0.26 20.76 8.02
CA SER B 163 -0.53 19.94 6.86
C SER B 163 0.80 19.35 6.41
N ILE B 164 0.79 18.07 6.10
CA ILE B 164 1.98 17.38 5.68
C ILE B 164 1.71 16.73 4.34
N LYS B 165 2.67 16.90 3.43
CA LYS B 165 2.64 16.23 2.15
C LYS B 165 3.11 14.80 2.35
N LEU B 166 2.22 13.84 2.13
CA LEU B 166 2.58 12.43 2.15
C LEU B 166 2.72 11.97 0.71
N HIS B 167 3.69 11.09 0.46
CA HIS B 167 4.02 10.58 -0.87
C HIS B 167 3.44 9.23 -1.09
N ALA B 168 2.93 8.97 -2.33
CA ALA B 168 2.36 7.68 -2.71
C ALA B 168 3.43 6.60 -2.61
N VAL B 169 3.12 5.52 -1.91
CA VAL B 169 4.05 4.42 -1.70
C VAL B 169 3.91 3.49 -2.93
N ARG B 170 4.89 3.62 -3.85
CA ARG B 170 4.95 2.92 -5.12
C ARG B 170 5.55 1.51 -4.96
N THR C 4 31.36 15.88 -13.23
CA THR C 4 32.81 15.81 -13.00
C THR C 4 33.15 14.86 -11.80
N SER C 5 34.49 14.66 -11.54
CA SER C 5 35.09 13.78 -10.50
C SER C 5 34.40 12.41 -10.58
N LYS C 6 34.40 11.81 -11.79
CA LYS C 6 33.70 10.55 -12.05
C LYS C 6 34.60 9.38 -11.73
N ILE C 7 34.28 8.67 -10.64
CA ILE C 7 35.00 7.46 -10.24
C ILE C 7 34.17 6.25 -10.65
N ALA C 8 34.73 5.33 -11.46
CA ALA C 8 34.04 4.11 -11.85
C ALA C 8 34.08 3.14 -10.69
N LEU C 9 32.93 2.63 -10.25
CA LEU C 9 32.88 1.71 -9.12
C LEU C 9 32.56 0.28 -9.57
N PHE C 10 31.85 0.13 -10.69
CA PHE C 10 31.42 -1.13 -11.26
C PHE C 10 31.25 -0.97 -12.76
N ASP C 11 31.83 -1.89 -13.52
CA ASP C 11 31.74 -1.91 -14.97
C ASP C 11 31.79 -3.35 -15.40
N GLN C 12 30.62 -3.95 -15.70
CA GLN C 12 30.57 -5.37 -16.04
C GLN C 12 29.41 -5.71 -16.96
N THR C 13 29.58 -6.76 -17.76
CA THR C 13 28.56 -7.32 -18.63
C THR C 13 27.82 -8.38 -17.84
N LEU C 14 26.51 -8.20 -17.70
CA LEU C 14 25.67 -9.09 -16.93
C LEU C 14 24.61 -9.71 -17.78
N ILE C 15 24.09 -10.85 -17.32
CA ILE C 15 22.99 -11.49 -18.00
C ILE C 15 21.71 -10.97 -17.34
N ALA C 16 20.85 -10.35 -18.15
CA ALA C 16 19.58 -9.82 -17.69
C ALA C 16 18.48 -10.39 -18.50
N SER C 17 17.29 -10.54 -17.93
CA SER C 17 16.21 -10.96 -18.79
C SER C 17 15.48 -9.69 -19.17
N LEU C 18 15.35 -9.45 -20.48
CA LEU C 18 14.68 -8.29 -21.05
C LEU C 18 13.19 -8.61 -21.23
N LEU C 19 12.33 -7.58 -21.03
CA LEU C 19 10.86 -7.72 -21.12
C LEU C 19 10.23 -6.56 -21.89
N GLN C 20 9.02 -6.77 -22.43
CA GLN C 20 8.29 -5.76 -23.20
C GLN C 20 6.86 -5.62 -22.68
N PHE C 29 4.88 -9.20 -24.65
CA PHE C 29 5.44 -9.35 -23.31
C PHE C 29 6.31 -10.63 -23.23
N LYS C 30 7.00 -10.95 -24.35
CA LYS C 30 7.89 -12.11 -24.51
C LYS C 30 9.27 -11.79 -23.91
N ALA C 31 9.68 -12.60 -22.91
CA ALA C 31 10.95 -12.45 -22.20
C ALA C 31 12.16 -12.95 -23.01
N TYR C 32 13.36 -12.40 -22.74
CA TYR C 32 14.62 -12.77 -23.41
C TYR C 32 15.84 -12.45 -22.54
N LYS C 33 16.63 -13.48 -22.24
CA LYS C 33 17.88 -13.38 -21.50
C LYS C 33 18.97 -12.89 -22.46
N THR C 34 19.51 -11.69 -22.19
CA THR C 34 20.52 -11.00 -23.00
C THR C 34 21.65 -10.42 -22.14
N LYS C 35 22.80 -10.17 -22.78
CA LYS C 35 23.94 -9.56 -22.10
C LYS C 35 23.82 -8.03 -22.15
N VAL C 36 23.90 -7.38 -20.99
CA VAL C 36 23.85 -5.93 -20.87
C VAL C 36 25.09 -5.43 -20.10
N LYS C 37 25.62 -4.25 -20.45
CA LYS C 37 26.74 -3.68 -19.72
C LYS C 37 26.18 -2.74 -18.69
N LEU C 38 26.47 -3.01 -17.41
CA LEU C 38 26.08 -2.13 -16.32
C LEU C 38 27.30 -1.39 -15.77
N LYS C 39 27.19 -0.07 -15.72
CA LYS C 39 28.22 0.77 -15.15
C LYS C 39 27.64 1.59 -14.01
N ILE C 40 28.27 1.51 -12.85
CA ILE C 40 27.88 2.26 -11.66
C ILE C 40 29.09 3.13 -11.30
N SER C 41 28.88 4.45 -11.26
CA SER C 41 29.97 5.37 -10.97
C SER C 41 29.54 6.47 -10.02
N GLU C 42 30.55 7.06 -9.32
CA GLU C 42 30.42 8.14 -8.34
C GLU C 42 30.85 9.46 -8.95
N GLN C 43 30.02 10.48 -8.84
CA GLN C 43 30.43 11.75 -9.39
C GLN C 43 29.95 12.88 -8.54
N ARG C 44 30.46 14.08 -8.82
CA ARG C 44 30.09 15.28 -8.13
C ARG C 44 29.28 16.14 -9.06
N ASN C 45 28.13 16.64 -8.56
CA ASN C 45 27.30 17.59 -9.32
C ASN C 45 28.11 18.87 -9.58
N GLU C 46 28.08 19.35 -10.84
CA GLU C 46 28.88 20.49 -11.25
C GLU C 46 28.49 21.79 -10.57
N THR C 47 27.19 22.06 -10.44
CA THR C 47 26.74 23.30 -9.83
C THR C 47 26.81 23.25 -8.30
N SER C 48 26.39 22.14 -7.68
CA SER C 48 26.26 22.04 -6.23
C SER C 48 27.43 21.39 -5.50
N GLY C 49 28.21 20.55 -6.19
CA GLY C 49 29.32 19.83 -5.58
C GLY C 49 28.88 18.61 -4.81
N GLU C 50 27.55 18.34 -4.78
CA GLU C 50 27.00 17.20 -4.04
C GLU C 50 27.31 15.86 -4.73
N LYS C 51 27.35 14.80 -3.93
CA LYS C 51 27.65 13.46 -4.40
C LYS C 51 26.47 12.90 -5.19
N GLU C 52 26.80 12.27 -6.32
CA GLU C 52 25.83 11.65 -7.23
C GLU C 52 26.25 10.22 -7.55
N LEU C 53 25.26 9.37 -7.81
CA LEU C 53 25.47 7.98 -8.19
C LEU C 53 24.87 7.78 -9.58
N LYS C 54 25.68 7.39 -10.57
CA LYS C 54 25.17 7.23 -11.93
C LYS C 54 25.11 5.79 -12.33
N PHE C 55 23.98 5.38 -12.88
CA PHE C 55 23.74 4.04 -13.40
C PHE C 55 23.62 4.16 -14.89
N GLU C 56 24.38 3.35 -15.61
CA GLU C 56 24.34 3.34 -17.07
C GLU C 56 24.20 1.93 -17.55
N ILE C 57 23.25 1.70 -18.45
CA ILE C 57 22.97 0.41 -19.06
C ILE C 57 23.13 0.57 -20.58
N SER C 58 23.86 -0.35 -21.20
CA SER C 58 24.10 -0.36 -22.63
C SER C 58 24.24 -1.80 -23.10
N ARG C 59 24.13 -2.03 -24.41
CA ARG C 59 24.23 -3.36 -25.03
C ARG C 59 25.34 -3.36 -26.06
N SER C 60 26.22 -4.38 -26.00
CA SER C 60 27.35 -4.56 -26.92
C SER C 60 26.91 -4.76 -28.37
N ASP C 61 25.59 -4.91 -28.61
CA ASP C 61 25.02 -5.13 -29.93
C ASP C 61 24.17 -3.93 -30.37
N ASP C 62 23.11 -3.59 -29.62
CA ASP C 62 22.25 -2.46 -29.96
C ASP C 62 22.90 -1.16 -29.47
N PHE C 63 23.35 -0.34 -30.43
CA PHE C 63 24.03 0.94 -30.22
C PHE C 63 23.06 2.01 -29.71
N GLU C 64 21.78 1.93 -30.14
CA GLU C 64 20.68 2.82 -29.74
C GLU C 64 20.18 2.50 -28.33
N PHE C 65 20.67 1.37 -27.76
CA PHE C 65 20.32 0.90 -26.42
C PHE C 65 21.23 1.58 -25.40
N LEU C 66 20.80 2.76 -24.95
CA LEU C 66 21.57 3.54 -23.98
C LEU C 66 20.64 4.23 -23.01
N PHE C 67 20.73 3.78 -21.76
CA PHE C 67 19.92 4.28 -20.67
C PHE C 67 20.77 4.64 -19.46
N SER C 68 20.41 5.71 -18.77
CA SER C 68 21.12 6.11 -17.57
C SER C 68 20.20 6.86 -16.63
N GLU C 69 20.66 6.97 -15.38
CA GLU C 69 20.00 7.71 -14.33
C GLU C 69 21.04 8.13 -13.34
N THR C 70 20.97 9.38 -12.89
CA THR C 70 21.86 9.92 -11.88
C THR C 70 21.05 10.18 -10.62
N LEU C 71 21.46 9.56 -9.52
CA LEU C 71 20.81 9.74 -8.23
C LEU C 71 21.59 10.64 -7.33
N ASN C 72 20.90 11.55 -6.69
CA ASN C 72 21.45 12.35 -5.62
C ASN C 72 20.74 11.88 -4.36
N ASN C 73 21.07 12.48 -3.20
CA ASN C 73 20.48 12.06 -1.94
C ASN C 73 18.94 12.12 -1.93
N GLU C 74 18.35 13.18 -2.52
CA GLU C 74 16.90 13.38 -2.59
C GLU C 74 16.22 12.28 -3.42
N LYS C 75 16.76 12.03 -4.63
CA LYS C 75 16.24 11.00 -5.52
C LYS C 75 16.33 9.63 -4.82
N TYR C 76 17.42 9.42 -4.08
CA TYR C 76 17.63 8.18 -3.36
C TYR C 76 16.56 7.98 -2.28
N GLN C 77 16.21 9.04 -1.56
CA GLN C 77 15.20 8.96 -0.49
C GLN C 77 13.88 8.40 -1.01
N ILE C 78 13.52 8.73 -2.27
CA ILE C 78 12.32 8.20 -2.94
C ILE C 78 12.50 6.69 -3.16
N LEU C 79 13.69 6.29 -3.65
CA LEU C 79 14.06 4.89 -3.93
C LEU C 79 14.02 4.05 -2.63
N ALA C 80 14.64 4.54 -1.50
CA ALA C 80 14.60 3.82 -0.20
C ALA C 80 13.20 3.81 0.41
N ARG C 81 12.35 4.77 0.05
CA ARG C 81 10.97 4.77 0.53
C ARG C 81 10.19 3.68 -0.19
N ASP C 82 10.31 3.63 -1.50
CA ASP C 82 9.57 2.67 -2.31
C ASP C 82 10.00 1.23 -2.09
N HIS C 83 11.28 0.99 -1.69
CA HIS C 83 11.84 -0.36 -1.57
C HIS C 83 12.29 -0.74 -0.17
N ASP C 84 11.93 0.09 0.82
CA ASP C 84 12.24 -0.13 2.23
C ASP C 84 13.74 -0.40 2.46
N LEU C 85 14.58 0.35 1.77
CA LEU C 85 16.03 0.24 1.96
C LEU C 85 16.41 0.91 3.27
N THR C 86 17.31 0.28 4.05
CA THR C 86 17.71 0.82 5.36
C THR C 86 19.13 1.38 5.31
N VAL C 87 19.82 1.05 4.22
CA VAL C 87 21.18 1.49 3.92
C VAL C 87 21.15 2.98 3.48
N ASP C 88 22.13 3.81 3.91
CA ASP C 88 22.12 5.23 3.49
C ASP C 88 22.60 5.37 2.06
N PHE C 89 22.45 6.57 1.45
CA PHE C 89 22.92 6.84 0.09
C PHE C 89 24.40 6.48 -0.09
N ASP C 90 25.28 6.81 0.90
CA ASP C 90 26.73 6.51 0.82
C ASP C 90 27.03 5.02 0.74
N ALA C 91 26.30 4.18 1.51
CA ALA C 91 26.57 2.74 1.52
C ALA C 91 25.84 1.97 0.43
N PHE C 92 24.75 2.52 -0.09
CA PHE C 92 23.95 1.89 -1.14
C PHE C 92 24.82 1.26 -2.27
N PRO C 93 25.78 1.98 -2.94
CA PRO C 93 26.54 1.33 -4.01
C PRO C 93 27.50 0.26 -3.49
N LYS C 94 28.01 0.42 -2.27
CA LYS C 94 28.90 -0.57 -1.67
C LYS C 94 28.17 -1.92 -1.51
N VAL C 95 26.97 -1.91 -0.93
CA VAL C 95 26.22 -3.15 -0.73
C VAL C 95 25.69 -3.72 -2.08
N ILE C 96 25.39 -2.86 -3.07
CA ILE C 96 24.89 -3.31 -4.38
C ILE C 96 26.06 -3.98 -5.13
N ILE C 97 27.22 -3.31 -5.17
CA ILE C 97 28.39 -3.83 -5.85
C ILE C 97 28.87 -5.07 -5.15
N GLN C 98 28.76 -5.11 -3.80
CA GLN C 98 29.16 -6.31 -3.07
C GLN C 98 28.27 -7.47 -3.46
N HIS C 99 26.98 -7.21 -3.65
CA HIS C 99 26.04 -8.25 -4.02
C HIS C 99 26.34 -8.79 -5.42
N LEU C 100 26.57 -7.88 -6.37
CA LEU C 100 26.86 -8.22 -7.77
C LEU C 100 28.20 -8.91 -7.98
N LEU C 101 29.23 -8.61 -7.18
CA LEU C 101 30.58 -9.11 -7.39
C LEU C 101 31.05 -10.17 -6.46
N CYS C 102 30.52 -10.17 -5.23
CA CYS C 102 31.05 -11.01 -4.19
C CYS C 102 30.15 -12.10 -3.77
N LYS C 103 28.84 -11.93 -3.91
CA LYS C 103 27.95 -12.89 -3.31
C LYS C 103 27.73 -14.16 -4.11
N ASN C 104 27.16 -14.10 -5.27
CA ASN C 104 26.96 -15.40 -5.91
C ASN C 104 27.90 -15.50 -7.08
N ILE C 105 28.97 -16.28 -6.89
CA ILE C 105 29.96 -16.48 -7.95
C ILE C 105 29.62 -17.88 -8.56
N VAL C 106 28.53 -17.82 -9.36
CA VAL C 106 27.83 -18.87 -10.11
C VAL C 106 27.96 -18.53 -11.61
N LYS C 107 28.62 -19.41 -12.37
CA LYS C 107 28.81 -19.24 -13.81
C LYS C 107 27.69 -19.97 -14.59
N ASN C 108 26.94 -19.20 -15.44
CA ASN C 108 25.83 -19.67 -16.28
C ASN C 108 26.27 -19.85 -17.75
N LEU C 109 26.30 -21.13 -18.21
CA LEU C 109 26.69 -21.58 -19.56
C LEU C 109 25.73 -21.03 -20.62
N GLU C 110 26.25 -20.21 -21.57
CA GLU C 110 25.45 -19.61 -22.64
C GLU C 110 26.18 -19.75 -23.99
N GLU C 111 25.55 -20.52 -24.91
CA GLU C 111 26.06 -20.84 -26.25
C GLU C 111 25.34 -20.01 -27.32
N LYS C 131 13.45 -20.19 -16.60
CA LYS C 131 14.82 -19.66 -16.68
C LYS C 131 14.96 -18.41 -15.73
N PRO C 132 15.57 -18.54 -14.52
CA PRO C 132 15.61 -17.39 -13.59
C PRO C 132 16.87 -16.51 -13.66
N THR C 133 16.64 -15.16 -13.60
CA THR C 133 17.67 -14.11 -13.58
C THR C 133 17.46 -13.18 -12.39
N GLU C 134 18.55 -12.62 -11.87
CA GLU C 134 18.51 -11.73 -10.72
C GLU C 134 18.40 -10.25 -11.18
N ILE C 135 18.50 -9.99 -12.50
CA ILE C 135 18.32 -8.66 -13.10
C ILE C 135 17.22 -8.72 -14.15
N ASN C 136 16.24 -7.84 -14.03
CA ASN C 136 15.13 -7.72 -14.96
C ASN C 136 15.14 -6.33 -15.56
N ILE C 137 14.98 -6.25 -16.88
CA ILE C 137 14.90 -4.96 -17.57
C ILE C 137 13.59 -4.91 -18.35
N ILE C 138 12.75 -3.91 -18.03
CA ILE C 138 11.47 -3.75 -18.69
C ILE C 138 11.52 -2.52 -19.56
N LEU C 139 11.37 -2.72 -20.86
CA LEU C 139 11.46 -1.66 -21.84
C LEU C 139 10.11 -1.00 -22.13
N ASP C 140 10.15 0.30 -22.47
CA ASP C 140 8.99 1.10 -22.91
C ASP C 140 8.85 0.87 -24.40
N ALA C 141 7.60 0.82 -24.89
CA ALA C 141 7.29 0.66 -26.31
C ALA C 141 7.86 1.83 -27.12
N GLU C 142 7.85 3.05 -26.54
CA GLU C 142 8.38 4.28 -27.15
C GLU C 142 9.91 4.40 -26.98
N LYS C 143 10.52 3.55 -26.10
CA LYS C 143 11.95 3.48 -25.79
C LYS C 143 12.49 4.77 -25.09
N ASN C 144 11.59 5.57 -24.46
CA ASN C 144 11.94 6.83 -23.77
C ASN C 144 12.61 6.57 -22.44
N PHE C 145 12.43 5.34 -21.92
CA PHE C 145 12.97 4.82 -20.65
C PHE C 145 12.95 3.28 -20.61
N CYS C 146 13.28 2.76 -19.43
CA CYS C 146 13.30 1.34 -19.04
C CYS C 146 13.37 1.24 -17.50
N SER C 147 12.90 0.12 -16.94
CA SER C 147 12.96 -0.14 -15.50
C SER C 147 14.02 -1.20 -15.26
N PHE C 148 15.05 -0.85 -14.45
CA PHE C 148 16.14 -1.77 -14.13
C PHE C 148 15.83 -2.37 -12.76
N GLU C 149 15.61 -3.70 -12.68
CA GLU C 149 15.25 -4.37 -11.42
C GLU C 149 16.33 -5.32 -10.93
N LEU C 150 16.72 -5.20 -9.65
CA LEU C 150 17.69 -6.08 -9.02
C LEU C 150 17.02 -6.96 -7.94
N PHE C 151 17.28 -8.27 -7.95
CA PHE C 151 16.68 -9.23 -7.01
C PHE C 151 17.67 -10.10 -6.30
N SER C 152 17.36 -10.50 -5.05
CA SER C 152 18.12 -11.50 -4.29
C SER C 152 17.08 -12.47 -3.75
N LYS C 153 16.80 -13.56 -4.50
CA LYS C 153 15.75 -14.55 -4.18
C LYS C 153 15.88 -15.10 -2.76
N THR C 154 14.73 -15.30 -2.11
CA THR C 154 14.62 -15.89 -0.77
C THR C 154 13.74 -17.13 -0.88
N PRO C 155 13.67 -17.97 0.16
CA PRO C 155 12.79 -19.14 0.09
C PRO C 155 11.30 -18.79 0.08
N TRP C 156 10.92 -17.52 0.35
CA TRP C 156 9.48 -17.16 0.45
C TRP C 156 9.05 -16.03 -0.47
N SER C 157 9.97 -15.36 -1.15
CA SER C 157 9.66 -14.21 -2.00
C SER C 157 10.73 -14.04 -3.09
N LYS C 158 10.48 -13.15 -4.09
CA LYS C 158 11.41 -12.87 -5.19
C LYS C 158 12.66 -12.11 -4.70
N GLY C 159 12.51 -11.42 -3.56
CA GLY C 159 13.58 -10.66 -2.92
C GLY C 159 14.03 -9.44 -3.67
N LYS C 160 13.09 -8.66 -4.21
CA LYS C 160 13.41 -7.44 -4.94
C LYS C 160 14.25 -6.53 -4.05
N ILE C 161 15.39 -6.05 -4.56
CA ILE C 161 16.25 -5.14 -3.80
C ILE C 161 15.76 -3.74 -4.11
N PHE C 162 15.71 -3.37 -5.41
CA PHE C 162 15.21 -2.08 -5.89
C PHE C 162 14.94 -2.13 -7.40
N SER C 163 14.13 -1.21 -7.86
CA SER C 163 13.84 -1.00 -9.26
C SER C 163 14.15 0.46 -9.53
N ILE C 164 14.92 0.76 -10.59
CA ILE C 164 15.26 2.13 -10.91
C ILE C 164 14.85 2.39 -12.34
N LYS C 165 14.20 3.54 -12.56
CA LYS C 165 13.83 3.97 -13.89
C LYS C 165 15.01 4.62 -14.50
N LEU C 166 15.49 4.03 -15.60
CA LEU C 166 16.62 4.53 -16.39
C LEU C 166 16.09 5.24 -17.66
N HIS C 167 16.56 6.46 -17.96
CA HIS C 167 16.08 7.26 -19.10
C HIS C 167 16.98 7.15 -20.31
N ALA C 168 16.38 7.14 -21.50
CA ALA C 168 17.09 7.06 -22.78
C ALA C 168 18.09 8.20 -22.93
N VAL C 169 19.31 7.86 -23.34
CA VAL C 169 20.39 8.84 -23.52
C VAL C 169 20.33 9.33 -24.96
N SER D 5 -10.67 -1.01 -4.70
CA SER D 5 -10.45 -1.16 -6.15
C SER D 5 -11.48 -0.34 -7.01
N LYS D 6 -12.32 0.48 -6.36
CA LYS D 6 -13.37 1.29 -6.97
C LYS D 6 -12.82 2.56 -7.64
N ILE D 7 -12.79 2.57 -8.97
CA ILE D 7 -12.38 3.72 -9.78
C ILE D 7 -13.67 4.41 -10.23
N ALA D 8 -13.91 5.66 -9.79
CA ALA D 8 -15.12 6.41 -10.12
C ALA D 8 -15.02 6.96 -11.52
N LEU D 9 -16.02 6.71 -12.37
CA LEU D 9 -15.97 7.14 -13.77
C LEU D 9 -16.96 8.26 -14.08
N PHE D 10 -18.08 8.31 -13.34
CA PHE D 10 -19.12 9.32 -13.51
C PHE D 10 -19.87 9.47 -12.21
N ASP D 11 -20.16 10.72 -11.82
CA ASP D 11 -20.88 11.03 -10.59
C ASP D 11 -21.55 12.36 -10.80
N GLN D 12 -22.86 12.35 -11.09
CA GLN D 12 -23.58 13.59 -11.37
C GLN D 12 -25.06 13.52 -11.03
N THR D 13 -25.64 14.69 -10.69
CA THR D 13 -27.06 14.83 -10.42
C THR D 13 -27.76 15.15 -11.75
N LEU D 14 -28.71 14.32 -12.12
CA LEU D 14 -29.44 14.46 -13.37
C LEU D 14 -30.90 14.62 -13.14
N ILE D 15 -31.62 15.20 -14.12
CA ILE D 15 -33.06 15.33 -14.04
C ILE D 15 -33.64 14.13 -14.74
N ALA D 16 -34.42 13.33 -14.01
CA ALA D 16 -35.06 12.12 -14.53
C ALA D 16 -36.56 12.19 -14.32
N SER D 17 -37.32 11.44 -15.14
CA SER D 17 -38.77 11.37 -14.99
C SER D 17 -39.14 10.10 -14.27
N LEU D 18 -39.75 10.23 -13.07
CA LEU D 18 -40.17 9.05 -12.32
C LEU D 18 -41.51 8.57 -12.82
N LEU D 19 -41.56 7.28 -13.18
CA LEU D 19 -42.76 6.64 -13.68
C LEU D 19 -43.26 5.59 -12.69
N GLN D 20 -44.52 5.69 -12.30
CA GLN D 20 -45.13 4.76 -11.36
C GLN D 20 -46.20 3.90 -12.07
N PRO D 21 -46.49 2.68 -11.57
CA PRO D 21 -47.51 1.82 -12.21
C PRO D 21 -48.91 2.04 -11.62
N LYS D 33 -40.80 13.78 -12.54
CA LYS D 33 -39.79 14.83 -12.70
C LYS D 33 -39.05 15.04 -11.38
N THR D 34 -37.74 14.68 -11.30
CA THR D 34 -36.96 14.77 -10.06
C THR D 34 -35.44 14.67 -10.31
N LYS D 35 -34.65 15.19 -9.37
CA LYS D 35 -33.20 15.12 -9.44
C LYS D 35 -32.71 13.82 -8.82
N VAL D 36 -31.90 13.07 -9.57
CA VAL D 36 -31.35 11.80 -9.12
C VAL D 36 -29.81 11.82 -9.29
N LYS D 37 -29.07 11.19 -8.38
CA LYS D 37 -27.62 11.12 -8.52
C LYS D 37 -27.27 9.80 -9.19
N LEU D 38 -26.60 9.88 -10.33
CA LEU D 38 -26.11 8.70 -11.04
C LEU D 38 -24.60 8.56 -10.86
N LYS D 39 -24.18 7.38 -10.41
CA LYS D 39 -22.78 7.06 -10.24
C LYS D 39 -22.43 5.83 -11.04
N ILE D 40 -21.41 5.93 -11.86
CA ILE D 40 -20.89 4.83 -12.66
C ILE D 40 -19.44 4.63 -12.24
N SER D 41 -19.10 3.43 -11.80
CA SER D 41 -17.73 3.14 -11.36
C SER D 41 -17.22 1.78 -11.83
N GLU D 42 -15.88 1.61 -11.81
CA GLU D 42 -15.13 0.41 -12.19
C GLU D 42 -14.60 -0.34 -10.94
N GLN D 43 -14.99 -1.61 -10.81
CA GLN D 43 -14.63 -2.55 -9.74
C GLN D 43 -13.95 -3.78 -10.34
N ARG D 44 -13.06 -4.45 -9.55
CA ARG D 44 -12.36 -5.65 -10.01
C ARG D 44 -12.72 -6.86 -9.14
N GLU D 50 -12.11 -10.05 -12.03
CA GLU D 50 -12.53 -9.64 -13.38
C GLU D 50 -13.12 -8.22 -13.37
N LYS D 51 -13.10 -7.55 -14.53
CA LYS D 51 -13.62 -6.19 -14.69
C LYS D 51 -15.14 -6.17 -14.51
N GLU D 52 -15.59 -5.25 -13.65
CA GLU D 52 -17.00 -5.00 -13.33
C GLU D 52 -17.30 -3.50 -13.55
N LEU D 53 -18.57 -3.18 -13.75
CA LEU D 53 -19.06 -1.82 -13.95
C LEU D 53 -20.31 -1.66 -13.12
N LYS D 54 -20.27 -0.76 -12.15
CA LYS D 54 -21.37 -0.59 -11.21
C LYS D 54 -22.13 0.68 -11.49
N PHE D 55 -23.47 0.55 -11.59
CA PHE D 55 -24.40 1.67 -11.79
C PHE D 55 -25.17 1.86 -10.49
N GLU D 56 -25.12 3.07 -9.90
CA GLU D 56 -25.81 3.40 -8.64
C GLU D 56 -26.67 4.63 -8.86
N ILE D 57 -27.92 4.56 -8.40
CA ILE D 57 -28.88 5.65 -8.46
C ILE D 57 -29.36 5.96 -7.03
N SER D 58 -29.37 7.28 -6.68
CA SER D 58 -29.77 7.88 -5.40
C SER D 58 -30.74 9.05 -5.65
N ARG D 59 -31.30 9.63 -4.57
CA ARG D 59 -32.22 10.78 -4.61
C ARG D 59 -31.96 11.65 -3.37
N SER D 60 -32.08 12.99 -3.52
CA SER D 60 -31.85 13.95 -2.43
C SER D 60 -33.02 13.96 -1.41
N ASP D 61 -34.29 13.97 -1.91
CA ASP D 61 -35.53 13.99 -1.13
C ASP D 61 -35.73 12.69 -0.31
N ASP D 62 -35.55 11.54 -0.99
CA ASP D 62 -35.75 10.18 -0.47
C ASP D 62 -34.39 9.52 -0.15
N PHE D 63 -34.20 9.07 1.11
CA PHE D 63 -32.97 8.42 1.59
C PHE D 63 -33.04 6.89 1.39
N GLU D 64 -34.27 6.33 1.39
CA GLU D 64 -34.54 4.91 1.15
C GLU D 64 -34.36 4.56 -0.33
N PHE D 65 -34.20 5.59 -1.18
CA PHE D 65 -34.05 5.51 -2.62
C PHE D 65 -32.60 5.21 -2.97
N LEU D 66 -32.22 3.92 -2.95
CA LEU D 66 -30.85 3.47 -3.22
C LEU D 66 -30.87 2.17 -4.03
N PHE D 67 -30.62 2.30 -5.35
CA PHE D 67 -30.60 1.23 -6.33
C PHE D 67 -29.25 1.10 -7.00
N SER D 68 -28.83 -0.14 -7.25
CA SER D 68 -27.57 -0.41 -7.93
C SER D 68 -27.61 -1.72 -8.70
N GLU D 69 -26.67 -1.88 -9.60
CA GLU D 69 -26.46 -3.08 -10.38
C GLU D 69 -25.01 -3.14 -10.80
N THR D 70 -24.41 -4.32 -10.69
CA THR D 70 -23.02 -4.53 -11.10
C THR D 70 -23.02 -5.46 -12.28
N LEU D 71 -22.46 -5.00 -13.39
CA LEU D 71 -22.39 -5.83 -14.58
C LEU D 71 -21.00 -6.34 -14.83
N ASN D 72 -20.87 -7.63 -15.14
CA ASN D 72 -19.60 -8.18 -15.61
C ASN D 72 -19.76 -8.30 -17.14
N ASN D 73 -18.81 -8.95 -17.84
CA ASN D 73 -18.90 -9.09 -19.30
C ASN D 73 -20.12 -9.94 -19.72
N GLU D 74 -20.44 -11.01 -18.97
CA GLU D 74 -21.55 -11.91 -19.25
C GLU D 74 -22.91 -11.18 -19.16
N LYS D 75 -23.13 -10.46 -18.05
CA LYS D 75 -24.35 -9.68 -17.84
C LYS D 75 -24.51 -8.65 -18.95
N TYR D 76 -23.38 -8.01 -19.34
CA TYR D 76 -23.35 -7.02 -20.40
C TYR D 76 -23.80 -7.62 -21.73
N GLN D 77 -23.35 -8.85 -22.06
CA GLN D 77 -23.71 -9.49 -23.32
C GLN D 77 -25.22 -9.58 -23.50
N ILE D 78 -25.94 -9.82 -22.39
CA ILE D 78 -27.41 -9.87 -22.40
C ILE D 78 -27.95 -8.46 -22.71
N LEU D 79 -27.38 -7.43 -22.07
CA LEU D 79 -27.79 -6.06 -22.27
C LEU D 79 -27.51 -5.61 -23.73
N ALA D 80 -26.31 -5.91 -24.26
CA ALA D 80 -25.89 -5.59 -25.62
C ALA D 80 -26.84 -6.24 -26.63
N ARG D 81 -27.30 -7.47 -26.32
CA ARG D 81 -28.21 -8.22 -27.15
C ARG D 81 -29.59 -7.58 -27.16
N ASP D 82 -30.09 -7.21 -25.99
CA ASP D 82 -31.43 -6.64 -25.87
C ASP D 82 -31.56 -5.25 -26.50
N HIS D 83 -30.46 -4.49 -26.60
CA HIS D 83 -30.51 -3.13 -27.10
C HIS D 83 -29.70 -2.89 -28.36
N ASP D 84 -29.26 -3.97 -29.01
CA ASP D 84 -28.51 -3.95 -30.26
C ASP D 84 -27.26 -3.08 -30.16
N LEU D 85 -26.58 -3.12 -29.00
CA LEU D 85 -25.33 -2.38 -28.77
C LEU D 85 -24.21 -3.05 -29.54
N THR D 86 -23.36 -2.28 -30.21
CA THR D 86 -22.27 -2.87 -30.99
C THR D 86 -20.91 -2.64 -30.33
N VAL D 87 -20.91 -1.84 -29.27
CA VAL D 87 -19.71 -1.51 -28.51
C VAL D 87 -19.43 -2.63 -27.51
N ASP D 88 -18.15 -2.95 -27.31
CA ASP D 88 -17.80 -4.02 -26.36
C ASP D 88 -17.93 -3.52 -24.93
N PHE D 89 -17.86 -4.45 -23.99
CA PHE D 89 -17.95 -4.18 -22.58
C PHE D 89 -16.92 -3.11 -22.11
N ASP D 90 -15.66 -3.16 -22.63
CA ASP D 90 -14.61 -2.19 -22.28
C ASP D 90 -14.94 -0.77 -22.74
N ALA D 91 -15.52 -0.65 -23.95
CA ALA D 91 -15.84 0.65 -24.53
C ALA D 91 -17.19 1.22 -24.08
N PHE D 92 -18.11 0.35 -23.64
CA PHE D 92 -19.45 0.74 -23.21
C PHE D 92 -19.45 1.92 -22.22
N PRO D 93 -18.72 1.88 -21.09
CA PRO D 93 -18.77 3.02 -20.16
C PRO D 93 -18.24 4.31 -20.75
N LYS D 94 -17.23 4.23 -21.61
CA LYS D 94 -16.62 5.40 -22.23
C LYS D 94 -17.63 6.12 -23.14
N VAL D 95 -18.39 5.34 -23.90
CA VAL D 95 -19.39 5.84 -24.85
C VAL D 95 -20.60 6.48 -24.11
N ILE D 96 -21.12 5.80 -23.09
CA ILE D 96 -22.25 6.28 -22.29
C ILE D 96 -21.86 7.58 -21.56
N ILE D 97 -20.66 7.59 -20.96
CA ILE D 97 -20.17 8.77 -20.25
C ILE D 97 -19.92 9.91 -21.24
N GLN D 98 -19.30 9.63 -22.41
CA GLN D 98 -19.09 10.64 -23.43
C GLN D 98 -20.43 11.26 -23.82
N HIS D 99 -21.48 10.45 -23.89
CA HIS D 99 -22.80 10.95 -24.22
C HIS D 99 -23.32 11.90 -23.14
N LEU D 100 -23.22 11.51 -21.87
CA LEU D 100 -23.74 12.27 -20.76
C LEU D 100 -23.01 13.56 -20.51
N LEU D 101 -21.69 13.59 -20.77
CA LEU D 101 -20.82 14.74 -20.42
C LEU D 101 -20.28 15.56 -21.58
N CYS D 102 -20.21 15.01 -22.79
CA CYS D 102 -19.57 15.65 -23.94
C CYS D 102 -20.51 16.14 -25.03
N LYS D 103 -21.74 15.62 -25.14
CA LYS D 103 -22.72 16.07 -26.15
C LYS D 103 -23.75 17.04 -25.50
N ASN D 104 -23.38 17.60 -24.34
CA ASN D 104 -24.19 18.49 -23.49
C ASN D 104 -23.61 19.92 -23.37
N ILE D 105 -24.46 20.90 -23.73
CA ILE D 105 -24.22 22.34 -23.66
C ILE D 105 -25.29 22.90 -22.68
N VAL D 106 -25.18 22.45 -21.38
CA VAL D 106 -26.08 22.74 -20.23
C VAL D 106 -27.51 22.20 -20.54
N PRO D 132 -38.99 17.15 -23.14
CA PRO D 132 -38.62 15.76 -22.87
C PRO D 132 -37.37 15.63 -22.00
N THR D 133 -37.23 14.46 -21.33
CA THR D 133 -36.09 14.06 -20.47
C THR D 133 -35.30 12.92 -21.16
N GLU D 134 -33.98 12.85 -20.92
CA GLU D 134 -33.16 11.83 -21.55
C GLU D 134 -32.99 10.62 -20.63
N ILE D 135 -33.47 10.71 -19.38
CA ILE D 135 -33.40 9.62 -18.40
C ILE D 135 -34.80 9.30 -17.87
N ASN D 136 -35.18 8.02 -17.93
CA ASN D 136 -36.45 7.53 -17.41
C ASN D 136 -36.20 6.45 -16.38
N ILE D 137 -36.88 6.55 -15.23
CA ILE D 137 -36.78 5.56 -14.16
C ILE D 137 -38.18 5.01 -13.87
N ILE D 138 -38.33 3.69 -14.01
CA ILE D 138 -39.61 3.05 -13.77
C ILE D 138 -39.53 2.20 -12.53
N LEU D 139 -40.32 2.54 -11.53
CA LEU D 139 -40.32 1.86 -10.23
C LEU D 139 -41.33 0.71 -10.18
N ASP D 140 -41.03 -0.30 -9.35
CA ASP D 140 -41.86 -1.49 -9.10
C ASP D 140 -43.18 -1.08 -8.44
N PHE D 145 -36.85 -3.10 -6.67
CA PHE D 145 -36.00 -2.76 -7.84
C PHE D 145 -36.65 -1.71 -8.77
N CYS D 146 -35.89 -1.21 -9.79
CA CYS D 146 -36.34 -0.21 -10.78
C CYS D 146 -35.58 -0.35 -12.11
N SER D 147 -36.19 0.13 -13.24
CA SER D 147 -35.61 0.09 -14.58
C SER D 147 -35.04 1.47 -14.93
N PHE D 148 -33.74 1.53 -15.20
CA PHE D 148 -33.08 2.78 -15.54
C PHE D 148 -32.93 2.84 -17.05
N GLU D 149 -33.55 3.83 -17.71
CA GLU D 149 -33.50 3.94 -19.17
C GLU D 149 -32.84 5.22 -19.62
N LEU D 150 -31.91 5.10 -20.58
CA LEU D 150 -31.16 6.22 -21.16
C LEU D 150 -31.57 6.39 -22.61
N PHE D 151 -31.87 7.64 -23.02
CA PHE D 151 -32.31 7.97 -24.38
C PHE D 151 -31.48 9.07 -25.01
N SER D 152 -31.27 8.96 -26.35
CA SER D 152 -30.68 10.00 -27.17
C SER D 152 -31.66 10.24 -28.28
N LYS D 153 -32.56 11.24 -28.11
CA LYS D 153 -33.65 11.56 -29.03
C LYS D 153 -33.15 11.75 -30.47
N THR D 154 -33.88 11.19 -31.43
CA THR D 154 -33.55 11.27 -32.86
C THR D 154 -34.70 11.96 -33.54
N PRO D 155 -34.56 12.42 -34.80
CA PRO D 155 -35.71 13.06 -35.48
C PRO D 155 -36.90 12.14 -35.73
N TRP D 156 -36.76 10.81 -35.54
CA TRP D 156 -37.82 9.83 -35.83
C TRP D 156 -38.18 8.95 -34.63
N SER D 157 -37.35 8.88 -33.59
CA SER D 157 -37.62 8.01 -32.44
C SER D 157 -37.12 8.60 -31.12
N LYS D 158 -37.54 8.00 -29.98
CA LYS D 158 -37.12 8.40 -28.64
C LYS D 158 -35.62 8.16 -28.47
N GLY D 159 -35.07 7.28 -29.30
CA GLY D 159 -33.65 6.95 -29.36
C GLY D 159 -33.06 6.15 -28.21
N LYS D 160 -33.86 5.28 -27.59
CA LYS D 160 -33.44 4.45 -26.46
C LYS D 160 -32.06 3.86 -26.69
N ILE D 161 -31.13 4.11 -25.75
CA ILE D 161 -29.78 3.56 -25.82
C ILE D 161 -29.77 2.22 -25.18
N PHE D 162 -30.12 2.15 -23.90
CA PHE D 162 -30.17 0.95 -23.10
C PHE D 162 -31.08 1.15 -21.90
N SER D 163 -31.38 0.06 -21.22
CA SER D 163 -32.17 0.09 -20.00
C SER D 163 -31.63 -0.98 -19.07
N ILE D 164 -31.15 -0.57 -17.90
CA ILE D 164 -30.60 -1.52 -16.94
C ILE D 164 -31.56 -1.75 -15.74
N LYS D 165 -31.66 -3.02 -15.30
CA LYS D 165 -32.46 -3.42 -14.13
C LYS D 165 -31.66 -3.16 -12.84
N LEU D 166 -31.98 -2.08 -12.09
CA LEU D 166 -31.29 -1.71 -10.85
C LEU D 166 -32.04 -2.26 -9.60
N HIS D 167 -31.33 -2.95 -8.68
CA HIS D 167 -31.89 -3.59 -7.46
C HIS D 167 -31.70 -2.71 -6.20
N ALA D 168 -32.68 -2.65 -5.30
CA ALA D 168 -32.57 -1.83 -4.08
C ALA D 168 -31.56 -2.43 -3.08
N VAL D 169 -31.38 -1.75 -1.91
CA VAL D 169 -30.50 -2.21 -0.81
C VAL D 169 -31.17 -1.84 0.52
S SO4 E . -9.96 -22.30 15.51
O1 SO4 E . -11.18 -23.05 15.79
O2 SO4 E . -8.83 -22.95 16.20
O3 SO4 E . -9.74 -22.27 14.06
O4 SO4 E . -10.08 -20.93 16.03
S SO4 F . 32.20 11.46 0.46
O1 SO4 F . 33.47 11.86 -0.16
O2 SO4 F . 32.52 10.79 1.72
O3 SO4 F . 31.48 10.55 -0.42
O4 SO4 F . 31.35 12.64 0.72
S SO4 G . 24.74 13.93 -15.62
O1 SO4 G . 24.28 12.54 -15.56
O2 SO4 G . 25.57 14.23 -14.44
O3 SO4 G . 25.55 14.11 -16.84
O4 SO4 G . 23.60 14.82 -15.65
#